data_2C0Z
#
_entry.id   2C0Z
#
_cell.length_a   59.354
_cell.length_b   59.354
_cell.length_c   109.030
_cell.angle_alpha   90.00
_cell.angle_beta   90.00
_cell.angle_gamma   90.00
#
_symmetry.space_group_name_H-M   'P 43 21 2'
#
loop_
_entity.id
_entity.type
_entity.pdbx_description
1 polymer NOVW
2 non-polymer 'SULFATE ION'
3 non-polymer 1,2-ETHANEDIOL
4 water water
#
_entity_poly.entity_id   1
_entity_poly.type   'polypeptide(L)'
_entity_poly.pdbx_seq_one_letter_code
;SGLVPRGSHMRLRPLGIEGVWEITPEQRADPRGVFLDWYHVDRFAEAIGRPLRLAQANLSVSVRGVVRGIHFVDVPPGQA
KYVTCVRGAVFDVVVDLRVGSPTYGCWEGTRLDDVSRRAVYLSEGIGHGFCAISDEATLCYLSSGTYDPATEHGVHPLDP
ELAIDWPTGTPLLSPRDQDALLLAEARDAGLLPTYATCQAVTVPSPAPGSVGDPGP
;
_entity_poly.pdbx_strand_id   A
#
loop_
_chem_comp.id
_chem_comp.type
_chem_comp.name
_chem_comp.formula
EDO non-polymer 1,2-ETHANEDIOL 'C2 H6 O2'
SO4 non-polymer 'SULFATE ION' 'O4 S -2'
#
# COMPACT_ATOMS: atom_id res chain seq x y z
N SER A 1 -6.33 -31.61 -3.14
CA SER A 1 -6.26 -30.46 -4.13
C SER A 1 -5.38 -29.28 -3.68
N GLY A 2 -5.03 -29.22 -2.40
CA GLY A 2 -4.61 -27.98 -1.77
C GLY A 2 -5.75 -26.95 -1.74
N LEU A 3 -5.55 -25.80 -1.10
CA LEU A 3 -6.58 -24.75 -1.08
C LEU A 3 -6.83 -24.23 -2.51
N VAL A 4 -8.07 -24.21 -2.93
CA VAL A 4 -8.43 -23.78 -4.27
C VAL A 4 -9.17 -22.47 -4.15
N PRO A 5 -8.60 -21.38 -4.70
CA PRO A 5 -9.14 -20.06 -4.46
C PRO A 5 -10.40 -19.80 -5.27
N ARG A 6 -11.15 -18.84 -4.78
CA ARG A 6 -12.37 -18.35 -5.37
C ARG A 6 -12.21 -17.76 -6.78
N GLY A 7 -13.08 -18.17 -7.69
CA GLY A 7 -13.17 -17.58 -9.01
C GLY A 7 -13.81 -16.21 -8.90
N SER A 8 -13.37 -15.27 -9.74
CA SER A 8 -13.83 -13.90 -9.63
C SER A 8 -13.71 -13.12 -10.91
N HIS A 9 -14.58 -12.12 -11.03
CA HIS A 9 -14.44 -11.08 -12.02
C HIS A 9 -13.68 -9.94 -11.38
N MET A 10 -12.93 -9.06 -12.23
CA MET A 10 -12.25 -7.91 -11.63
C MET A 10 -13.25 -6.84 -11.14
N ARG A 11 -12.92 -6.23 -10.01
CA ARG A 11 -13.67 -5.11 -9.45
C ARG A 11 -12.67 -4.09 -8.93
N LEU A 12 -13.03 -2.82 -8.99
CA LEU A 12 -12.29 -1.75 -8.37
C LEU A 12 -13.23 -0.96 -7.52
N ARG A 13 -12.97 -0.93 -6.24
CA ARG A 13 -13.81 -0.19 -5.32
C ARG A 13 -13.03 0.75 -4.42
N PRO A 14 -13.57 1.92 -4.16
CA PRO A 14 -12.87 2.88 -3.29
C PRO A 14 -12.83 2.38 -1.84
N LEU A 15 -11.70 2.63 -1.19
CA LEU A 15 -11.58 2.46 0.25
C LEU A 15 -12.04 3.79 0.89
N GLY A 16 -11.82 3.93 2.19
CA GLY A 16 -12.34 5.09 2.90
C GLY A 16 -11.55 6.39 2.77
N ILE A 17 -10.37 6.32 2.17
CA ILE A 17 -9.50 7.43 1.91
C ILE A 17 -9.56 7.75 0.42
N GLU A 18 -9.90 8.98 0.09
CA GLU A 18 -10.02 9.41 -1.30
C GLU A 18 -8.70 9.21 -2.00
N GLY A 19 -8.75 8.59 -3.17
CA GLY A 19 -7.55 8.28 -3.92
C GLY A 19 -6.99 6.89 -3.70
N VAL A 20 -7.66 6.11 -2.87
CA VAL A 20 -7.24 4.74 -2.55
C VAL A 20 -8.33 3.78 -2.98
N TRP A 21 -7.95 2.75 -3.73
CA TRP A 21 -8.89 1.73 -4.27
C TRP A 21 -8.37 0.34 -3.97
N GLU A 22 -9.33 -0.58 -3.80
CA GLU A 22 -9.05 -2.01 -3.68
C GLU A 22 -9.47 -2.67 -4.99
N ILE A 23 -8.56 -3.43 -5.57
CA ILE A 23 -8.82 -4.19 -6.79
C ILE A 23 -8.93 -5.67 -6.47
N THR A 24 -10.07 -6.25 -6.87
CA THR A 24 -10.30 -7.68 -6.86
C THR A 24 -9.87 -8.18 -8.25
N PRO A 25 -9.04 -9.20 -8.33
CA PRO A 25 -8.56 -9.66 -9.64
C PRO A 25 -9.65 -10.44 -10.40
N GLU A 26 -9.45 -10.60 -11.70
CA GLU A 26 -10.16 -11.63 -12.46
C GLU A 26 -9.36 -12.91 -12.27
N GLN A 27 -9.95 -13.90 -11.62
CA GLN A 27 -9.22 -15.11 -11.22
C GLN A 27 -10.02 -16.36 -11.57
N ARG A 28 -9.32 -17.39 -12.06
CA ARG A 28 -9.84 -18.69 -12.29
C ARG A 28 -8.86 -19.72 -11.78
N ALA A 29 -9.40 -20.88 -11.42
CA ALA A 29 -8.55 -22.00 -11.04
C ALA A 29 -8.99 -23.29 -11.78
N ASP A 30 -8.02 -24.15 -12.10
CA ASP A 30 -8.30 -25.51 -12.64
C ASP A 30 -7.26 -26.50 -12.08
N PRO A 31 -7.34 -27.79 -12.37
CA PRO A 31 -6.39 -28.72 -11.72
C PRO A 31 -4.89 -28.43 -11.98
N ARG A 32 -4.56 -27.72 -13.03
CA ARG A 32 -3.15 -27.39 -13.27
C ARG A 32 -2.65 -26.15 -12.51
N GLY A 33 -3.56 -25.30 -12.02
CA GLY A 33 -3.16 -24.08 -11.38
C GLY A 33 -4.20 -22.97 -11.32
N VAL A 34 -3.68 -21.76 -11.18
CA VAL A 34 -4.50 -20.57 -10.97
C VAL A 34 -4.00 -19.53 -11.95
N PHE A 35 -4.93 -18.79 -12.55
CA PHE A 35 -4.61 -17.70 -13.45
C PHE A 35 -5.42 -16.49 -13.12
N LEU A 36 -4.75 -15.36 -13.04
CA LEU A 36 -5.46 -14.13 -12.77
C LEU A 36 -4.90 -12.92 -13.47
N ASP A 37 -5.79 -11.96 -13.70
CA ASP A 37 -5.50 -10.60 -14.17
C ASP A 37 -5.57 -9.73 -12.93
N TRP A 38 -4.47 -9.13 -12.52
CA TRP A 38 -4.47 -8.24 -11.35
C TRP A 38 -4.35 -6.74 -11.67
N TYR A 39 -4.10 -6.41 -12.94
CA TYR A 39 -4.18 -5.02 -13.43
C TYR A 39 -4.70 -5.07 -14.85
N HIS A 40 -5.65 -4.22 -15.17
CA HIS A 40 -6.15 -4.10 -16.54
C HIS A 40 -6.40 -2.62 -16.86
N VAL A 41 -5.70 -2.12 -17.87
CA VAL A 41 -5.66 -0.67 -18.10
C VAL A 41 -7.05 -0.06 -18.35
N ASP A 42 -7.92 -0.76 -19.06
CA ASP A 42 -9.23 -0.16 -19.36
C ASP A 42 -10.08 -0.06 -18.10
N ARG A 43 -10.06 -1.13 -17.31
CA ARG A 43 -10.78 -1.12 -16.02
C ARG A 43 -10.22 -0.06 -15.09
N PHE A 44 -8.91 -0.03 -14.96
CA PHE A 44 -8.25 0.93 -14.09
C PHE A 44 -8.42 2.39 -14.51
N ALA A 45 -8.17 2.69 -15.78
CA ALA A 45 -8.21 4.07 -16.25
C ALA A 45 -9.62 4.61 -16.11
N GLU A 46 -10.63 3.76 -16.30
CA GLU A 46 -12.00 4.25 -16.17
C GLU A 46 -12.31 4.64 -14.72
N ALA A 47 -11.87 3.81 -13.78
CA ALA A 47 -12.17 4.00 -12.37
C ALA A 47 -11.36 5.13 -11.78
N ILE A 48 -10.06 5.13 -12.03
CA ILE A 48 -9.16 6.08 -11.37
C ILE A 48 -9.08 7.38 -12.16
N GLY A 49 -9.22 7.30 -13.47
CA GLY A 49 -9.19 8.47 -14.34
C GLY A 49 -8.09 8.53 -15.38
N ARG A 50 -7.01 7.77 -15.19
CA ARG A 50 -5.87 7.74 -16.11
C ARG A 50 -5.25 6.33 -16.00
N PRO A 51 -4.57 5.85 -17.03
CA PRO A 51 -3.79 4.61 -16.90
C PRO A 51 -2.65 4.76 -15.89
N LEU A 52 -2.33 3.70 -15.17
CA LEU A 52 -1.15 3.68 -14.35
C LEU A 52 0.12 3.79 -15.22
N ARG A 53 0.93 4.79 -14.90
CA ARG A 53 2.24 4.99 -15.50
C ARG A 53 3.20 4.05 -14.82
N LEU A 54 3.79 3.13 -15.58
CA LEU A 54 4.74 2.20 -15.00
C LEU A 54 6.15 2.78 -15.07
N ALA A 55 6.64 3.25 -13.95
CA ALA A 55 8.01 3.72 -13.86
C ALA A 55 8.96 2.70 -13.21
N GLN A 56 8.46 1.95 -12.23
CA GLN A 56 9.31 0.98 -11.56
C GLN A 56 8.45 -0.17 -11.07
N ALA A 57 9.02 -1.38 -11.02
CA ALA A 57 8.35 -2.53 -10.40
C ALA A 57 9.33 -3.06 -9.38
N ASN A 58 8.81 -3.37 -8.18
CA ASN A 58 9.61 -3.84 -7.07
C ASN A 58 9.00 -5.08 -6.45
N LEU A 59 9.85 -5.83 -5.76
CA LEU A 59 9.44 -6.95 -4.92
C LEU A 59 10.08 -6.80 -3.56
N SER A 60 9.35 -7.15 -2.51
CA SER A 60 9.95 -7.24 -1.19
C SER A 60 9.56 -8.56 -0.57
N VAL A 61 10.49 -9.16 0.15
CA VAL A 61 10.25 -10.39 0.91
C VAL A 61 10.54 -10.06 2.36
N SER A 62 9.60 -10.32 3.24
CA SER A 62 9.75 -9.95 4.64
C SER A 62 9.38 -11.11 5.52
N VAL A 63 10.08 -11.23 6.63
CA VAL A 63 9.72 -12.24 7.63
C VAL A 63 8.55 -11.80 8.54
N ARG A 64 7.88 -12.78 9.15
CA ARG A 64 6.74 -12.56 10.00
C ARG A 64 7.09 -11.57 11.09
N GLY A 65 6.21 -10.61 11.28
CA GLY A 65 6.34 -9.66 12.33
C GLY A 65 7.05 -8.39 11.92
N VAL A 66 7.73 -8.42 10.78
CA VAL A 66 8.37 -7.22 10.26
C VAL A 66 7.27 -6.18 10.01
N VAL A 67 7.38 -4.97 10.56
CA VAL A 67 6.48 -3.86 10.22
C VAL A 67 7.37 -2.88 9.46
N ARG A 68 6.98 -2.52 8.24
CA ARG A 68 7.70 -1.58 7.42
C ARG A 68 6.77 -0.42 7.09
N GLY A 69 7.32 0.77 7.13
CA GLY A 69 6.54 1.93 6.82
C GLY A 69 6.70 2.98 7.91
N ILE A 70 5.91 4.05 7.92
CA ILE A 70 4.93 4.44 6.87
C ILE A 70 5.67 5.34 5.89
N HIS A 71 5.79 4.90 4.65
CA HIS A 71 6.63 5.60 3.66
C HIS A 71 5.77 6.36 2.68
N PHE A 72 6.31 7.47 2.17
CA PHE A 72 5.64 8.29 1.18
C PHE A 72 6.66 9.06 0.38
N VAL A 73 6.18 9.65 -0.71
CA VAL A 73 6.99 10.49 -1.58
C VAL A 73 6.43 11.92 -1.59
N ASP A 74 7.33 12.89 -1.48
CA ASP A 74 6.95 14.29 -1.52
C ASP A 74 6.10 14.62 -2.74
N VAL A 75 5.16 15.54 -2.56
CA VAL A 75 4.32 16.04 -3.64
C VAL A 75 4.51 17.55 -3.80
N PRO A 76 4.99 18.05 -4.93
CA PRO A 76 5.43 17.27 -6.10
C PRO A 76 6.76 16.56 -5.84
N PRO A 77 7.08 15.57 -6.66
CA PRO A 77 6.31 15.17 -7.83
C PRO A 77 5.18 14.16 -7.51
N GLY A 78 5.25 13.60 -6.31
CA GLY A 78 4.36 12.55 -5.89
C GLY A 78 4.70 11.23 -6.53
N GLN A 79 4.09 10.20 -5.99
CA GLN A 79 4.22 8.85 -6.52
C GLN A 79 2.95 8.10 -6.18
N ALA A 80 2.43 7.35 -7.13
CA ALA A 80 1.32 6.44 -6.87
C ALA A 80 1.86 5.02 -6.92
N LYS A 81 1.21 4.12 -6.18
CA LYS A 81 1.68 2.74 -6.05
C LYS A 81 0.51 1.78 -6.18
N TYR A 82 0.78 0.64 -6.77
CA TYR A 82 -0.19 -0.43 -6.98
C TYR A 82 0.44 -1.68 -6.43
N VAL A 83 -0.11 -2.16 -5.33
CA VAL A 83 0.53 -3.18 -4.50
C VAL A 83 -0.30 -4.45 -4.38
N THR A 84 0.39 -5.60 -4.43
CA THR A 84 -0.26 -6.88 -4.20
C THR A 84 0.66 -7.85 -3.50
N CYS A 85 0.10 -8.83 -2.83
CA CYS A 85 0.90 -9.87 -2.20
C CYS A 85 0.86 -11.14 -3.02
N VAL A 86 2.02 -11.54 -3.52
CA VAL A 86 2.12 -12.67 -4.47
C VAL A 86 2.46 -13.98 -3.77
N ARG A 87 2.87 -13.92 -2.51
CA ARG A 87 3.14 -15.11 -1.72
C ARG A 87 2.96 -14.77 -0.26
N GLY A 88 2.25 -15.60 0.46
CA GLY A 88 2.04 -15.37 1.85
C GLY A 88 0.87 -14.42 2.11
N ALA A 89 0.99 -13.69 3.21
CA ALA A 89 -0.06 -12.78 3.62
C ALA A 89 0.52 -11.60 4.37
N VAL A 90 -0.04 -10.42 4.10
CA VAL A 90 0.35 -9.21 4.82
C VAL A 90 -0.87 -8.44 5.26
N PHE A 91 -0.72 -7.70 6.36
CA PHE A 91 -1.66 -6.68 6.73
C PHE A 91 -1.12 -5.39 6.12
N ASP A 92 -1.80 -4.90 5.10
CA ASP A 92 -1.35 -3.74 4.34
C ASP A 92 -2.08 -2.49 4.82
N VAL A 93 -1.35 -1.42 5.03
CA VAL A 93 -1.92 -0.19 5.61
C VAL A 93 -1.63 1.01 4.75
N VAL A 94 -2.68 1.76 4.48
CA VAL A 94 -2.56 3.06 3.84
C VAL A 94 -2.88 4.14 4.87
N VAL A 95 -2.18 5.25 4.76
CA VAL A 95 -2.29 6.35 5.74
C VAL A 95 -2.45 7.64 4.97
N ASP A 96 -3.50 8.40 5.27
CA ASP A 96 -3.67 9.69 4.61
C ASP A 96 -2.79 10.72 5.27
N LEU A 97 -1.72 11.12 4.57
CA LEU A 97 -0.74 12.08 5.10
C LEU A 97 -0.98 13.49 4.54
N ARG A 98 -2.09 13.69 3.84
CA ARG A 98 -2.33 14.94 3.11
C ARG A 98 -3.00 15.95 4.03
N VAL A 99 -2.23 16.93 4.46
CA VAL A 99 -2.73 17.95 5.37
C VAL A 99 -3.90 18.68 4.71
N GLY A 100 -5.00 18.76 5.45
CA GLY A 100 -6.22 19.36 4.93
C GLY A 100 -7.24 18.37 4.43
N SER A 101 -6.83 17.12 4.23
CA SER A 101 -7.75 16.12 3.76
C SER A 101 -8.76 15.80 4.86
N PRO A 102 -10.01 15.52 4.50
CA PRO A 102 -10.97 15.08 5.51
C PRO A 102 -10.49 13.87 6.30
N THR A 103 -9.68 13.02 5.67
CA THR A 103 -9.20 11.82 6.34
C THR A 103 -7.72 11.92 6.69
N TYR A 104 -7.17 13.12 6.81
CA TYR A 104 -5.82 13.29 7.30
C TYR A 104 -5.67 12.55 8.65
N GLY A 105 -4.58 11.80 8.76
CA GLY A 105 -4.26 11.06 9.97
C GLY A 105 -5.08 9.82 10.24
N CYS A 106 -5.87 9.44 9.24
CA CYS A 106 -6.61 8.19 9.28
C CYS A 106 -5.83 7.13 8.54
N TRP A 107 -6.09 5.88 8.91
CA TRP A 107 -5.52 4.75 8.18
C TRP A 107 -6.55 3.68 7.89
N GLU A 108 -6.20 2.80 6.98
CA GLU A 108 -7.04 1.66 6.66
C GLU A 108 -6.15 0.48 6.32
N GLY A 109 -6.49 -0.66 6.91
CA GLY A 109 -5.78 -1.90 6.69
C GLY A 109 -6.57 -2.83 5.79
N THR A 110 -5.84 -3.54 4.94
CA THR A 110 -6.41 -4.51 4.00
C THR A 110 -5.57 -5.77 4.08
N ARG A 111 -6.20 -6.94 4.08
CA ARG A 111 -5.41 -8.18 4.00
C ARG A 111 -5.09 -8.45 2.54
N LEU A 112 -3.80 -8.42 2.22
CA LEU A 112 -3.28 -8.77 0.90
C LEU A 112 -2.60 -10.11 1.03
N ASP A 113 -3.16 -11.13 0.38
CA ASP A 113 -2.57 -12.44 0.48
C ASP A 113 -2.59 -13.16 -0.85
N ASP A 114 -2.03 -14.35 -0.84
CA ASP A 114 -1.93 -15.17 -2.03
C ASP A 114 -3.13 -16.10 -2.25
N VAL A 115 -4.22 -15.83 -1.54
CA VAL A 115 -5.46 -16.55 -1.70
C VAL A 115 -6.46 -15.71 -2.48
N SER A 116 -6.88 -14.59 -1.90
CA SER A 116 -7.73 -13.63 -2.60
C SER A 116 -7.00 -12.75 -3.60
N ARG A 117 -5.72 -12.54 -3.35
CA ARG A 117 -4.89 -11.86 -4.34
C ARG A 117 -5.40 -10.48 -4.79
N ARG A 118 -5.93 -9.73 -3.82
CA ARG A 118 -6.34 -8.36 -4.03
C ARG A 118 -5.10 -7.46 -4.21
N ALA A 119 -5.35 -6.29 -4.75
CA ALA A 119 -4.35 -5.25 -4.91
C ALA A 119 -4.93 -3.96 -4.32
N VAL A 120 -4.03 -3.06 -3.90
CA VAL A 120 -4.41 -1.75 -3.46
C VAL A 120 -3.68 -0.74 -4.30
N TYR A 121 -4.43 0.26 -4.81
CA TYR A 121 -3.86 1.41 -5.49
C TYR A 121 -3.94 2.60 -4.54
N LEU A 122 -2.83 3.27 -4.39
CA LEU A 122 -2.78 4.49 -3.59
C LEU A 122 -2.18 5.63 -4.36
N SER A 123 -2.87 6.75 -4.31
CA SER A 123 -2.49 7.95 -5.03
C SER A 123 -1.38 8.74 -4.32
N GLU A 124 -0.99 9.85 -4.94
CA GLU A 124 0.05 10.70 -4.39
C GLU A 124 -0.32 11.25 -3.02
N GLY A 125 0.67 11.34 -2.17
CA GLY A 125 0.50 11.89 -0.82
C GLY A 125 0.04 10.89 0.22
N ILE A 126 -0.24 9.65 -0.20
CA ILE A 126 -0.69 8.57 0.67
C ILE A 126 0.50 7.80 1.13
N GLY A 127 0.56 7.53 2.43
CA GLY A 127 1.60 6.73 3.00
C GLY A 127 1.26 5.25 3.01
N HIS A 128 2.29 4.41 3.02
CA HIS A 128 2.10 2.98 2.91
C HIS A 128 2.98 2.26 3.93
N GLY A 129 2.44 1.22 4.50
CA GLY A 129 3.17 0.31 5.34
C GLY A 129 2.53 -1.06 5.33
N PHE A 130 3.21 -2.03 5.94
CA PHE A 130 2.62 -3.35 6.07
C PHE A 130 3.32 -4.17 7.13
N CYS A 131 2.64 -5.24 7.55
CA CYS A 131 3.18 -6.23 8.48
C CYS A 131 3.02 -7.60 7.83
N ALA A 132 4.07 -8.40 7.74
CA ALA A 132 3.97 -9.78 7.29
C ALA A 132 3.25 -10.63 8.34
N ILE A 133 2.19 -11.33 7.93
CA ILE A 133 1.41 -12.21 8.78
C ILE A 133 1.96 -13.63 8.67
N SER A 134 2.30 -14.02 7.45
CA SER A 134 2.86 -15.34 7.21
C SER A 134 4.30 -15.37 7.63
N ASP A 135 4.85 -16.55 7.75
CA ASP A 135 6.21 -16.66 8.23
C ASP A 135 7.12 -15.79 7.36
N GLU A 136 6.90 -15.83 6.06
CA GLU A 136 7.51 -14.85 5.13
C GLU A 136 6.43 -14.43 4.17
N ALA A 137 6.56 -13.23 3.60
CA ALA A 137 5.55 -12.69 2.64
C ALA A 137 6.23 -11.87 1.56
N THR A 138 5.74 -11.97 0.33
CA THR A 138 6.31 -11.28 -0.81
C THR A 138 5.30 -10.31 -1.41
N LEU A 139 5.64 -9.03 -1.44
CA LEU A 139 4.84 -7.99 -2.04
C LEU A 139 5.44 -7.61 -3.39
N CYS A 140 4.57 -7.34 -4.36
CA CYS A 140 4.96 -6.81 -5.64
C CYS A 140 4.31 -5.43 -5.80
N TYR A 141 5.08 -4.45 -6.24
CA TYR A 141 4.64 -3.07 -6.29
C TYR A 141 4.90 -2.55 -7.69
N LEU A 142 3.92 -1.88 -8.27
CA LEU A 142 4.12 -1.09 -9.48
C LEU A 142 3.99 0.38 -9.08
N SER A 143 4.98 1.18 -9.46
CA SER A 143 5.05 2.59 -9.03
C SER A 143 5.08 3.49 -10.24
N SER A 144 4.46 4.66 -10.09
CA SER A 144 4.42 5.67 -11.15
C SER A 144 5.65 6.57 -11.23
N GLY A 145 6.56 6.47 -10.29
CA GLY A 145 7.83 7.18 -10.35
C GLY A 145 8.98 6.32 -9.90
N THR A 146 10.18 6.67 -10.34
CA THR A 146 11.35 5.92 -9.93
C THR A 146 11.86 6.41 -8.59
N TYR A 147 12.61 5.53 -7.93
CA TYR A 147 13.18 5.87 -6.64
C TYR A 147 14.09 7.08 -6.74
N ASP A 148 13.84 8.03 -5.84
CA ASP A 148 14.67 9.20 -5.67
C ASP A 148 14.86 9.38 -4.16
N PRO A 149 16.10 9.26 -3.66
CA PRO A 149 16.31 9.34 -2.20
C PRO A 149 15.94 10.70 -1.62
N ALA A 150 15.92 11.74 -2.44
CA ALA A 150 15.59 13.09 -2.01
C ALA A 150 14.12 13.29 -1.69
N THR A 151 13.25 12.44 -2.25
CA THR A 151 11.82 12.63 -2.11
C THR A 151 11.13 11.55 -1.29
N GLU A 152 11.82 10.47 -0.95
CA GLU A 152 11.19 9.41 -0.17
C GLU A 152 11.39 9.61 1.32
N HIS A 153 10.28 9.71 2.04
CA HIS A 153 10.32 9.98 3.46
C HIS A 153 9.37 9.05 4.19
N GLY A 154 9.29 9.23 5.51
CA GLY A 154 8.40 8.40 6.27
C GLY A 154 7.99 8.97 7.61
N VAL A 155 6.99 8.34 8.20
CA VAL A 155 6.66 8.58 9.58
C VAL A 155 6.72 7.27 10.37
N HIS A 156 6.82 7.40 11.67
CA HIS A 156 6.98 6.25 12.54
C HIS A 156 5.76 5.36 12.52
N PRO A 157 5.93 4.07 12.22
CA PRO A 157 4.76 3.17 12.13
C PRO A 157 4.07 2.90 13.46
N LEU A 158 4.71 3.24 14.59
CA LEU A 158 4.07 3.15 15.90
C LEU A 158 3.59 4.53 16.39
N ASP A 159 3.44 5.48 15.47
CA ASP A 159 2.92 6.81 15.80
C ASP A 159 1.62 6.74 16.63
N PRO A 160 1.51 7.56 17.68
CA PRO A 160 0.33 7.49 18.57
C PRO A 160 -1.00 8.09 18.04
N GLU A 161 -0.95 9.05 17.13
CA GLU A 161 -2.17 9.54 16.48
C GLU A 161 -2.76 8.46 15.59
N LEU A 162 -1.90 7.75 14.85
CA LEU A 162 -2.38 6.68 13.98
C LEU A 162 -2.77 5.46 14.81
N ALA A 163 -1.92 5.06 15.76
CA ALA A 163 -2.18 3.95 16.63
C ALA A 163 -2.62 2.69 15.85
N ILE A 164 -1.82 2.37 14.83
CA ILE A 164 -2.16 1.29 13.94
C ILE A 164 -2.15 -0.05 14.68
N ASP A 165 -3.15 -0.87 14.43
CA ASP A 165 -3.31 -2.17 15.07
C ASP A 165 -2.54 -3.25 14.30
N TRP A 166 -1.21 -3.18 14.33
CA TRP A 166 -0.35 -4.17 13.69
C TRP A 166 -0.58 -5.53 14.30
N PRO A 167 -0.81 -6.55 13.49
CA PRO A 167 -1.09 -7.91 14.01
C PRO A 167 0.19 -8.64 14.39
N THR A 168 0.94 -8.04 15.31
CA THR A 168 2.09 -8.68 15.95
C THR A 168 2.30 -7.99 17.28
N GLY A 169 2.76 -8.77 18.25
CA GLY A 169 3.08 -8.25 19.56
C GLY A 169 4.46 -7.60 19.57
N THR A 170 5.35 -8.13 18.72
CA THR A 170 6.73 -7.68 18.64
C THR A 170 7.07 -7.24 17.22
N PRO A 171 6.65 -6.03 16.83
CA PRO A 171 7.03 -5.47 15.52
C PRO A 171 8.54 -5.38 15.30
N LEU A 172 9.01 -5.93 14.19
CA LEU A 172 10.41 -5.81 13.83
C LEU A 172 10.55 -4.63 12.86
N LEU A 173 11.16 -3.55 13.37
CA LEU A 173 11.40 -2.31 12.61
C LEU A 173 12.86 -2.19 12.20
N SER A 174 13.10 -1.69 11.00
CA SER A 174 14.43 -1.33 10.53
C SER A 174 14.88 -0.07 11.27
N PRO A 175 16.17 0.21 11.31
CA PRO A 175 16.64 1.44 11.95
C PRO A 175 15.96 2.68 11.36
N ARG A 176 15.78 2.70 10.04
CA ARG A 176 15.12 3.80 9.36
C ARG A 176 13.73 4.04 9.98
N ASP A 177 12.92 3.00 10.12
CA ASP A 177 11.55 3.21 10.59
C ASP A 177 11.49 3.46 12.11
N GLN A 178 12.44 2.89 12.85
CA GLN A 178 12.53 3.13 14.29
C GLN A 178 12.85 4.60 14.55
N ASP A 179 13.63 5.20 13.66
CA ASP A 179 14.12 6.58 13.83
C ASP A 179 13.24 7.63 13.16
N ALA A 180 12.17 7.20 12.52
CA ALA A 180 11.32 8.13 11.79
C ALA A 180 10.53 9.05 12.72
N LEU A 181 10.20 10.22 12.18
CA LEU A 181 9.44 11.22 12.90
C LEU A 181 8.04 10.73 13.19
N LEU A 182 7.52 11.14 14.34
CA LEU A 182 6.08 11.09 14.58
C LEU A 182 5.34 11.91 13.55
N LEU A 183 4.08 11.53 13.30
CA LEU A 183 3.24 12.25 12.36
C LEU A 183 3.21 13.78 12.67
N ALA A 184 2.99 14.13 13.93
CA ALA A 184 2.90 15.53 14.33
C ALA A 184 4.23 16.25 14.19
N GLU A 185 5.34 15.51 14.40
CA GLU A 185 6.67 16.07 14.18
C GLU A 185 6.91 16.39 12.70
N ALA A 186 6.51 15.48 11.81
CA ALA A 186 6.64 15.69 10.39
C ALA A 186 5.79 16.87 9.96
N ARG A 187 4.56 16.91 10.48
CA ARG A 187 3.69 18.02 10.17
C ARG A 187 4.27 19.34 10.62
N ASP A 188 4.83 19.34 11.82
CA ASP A 188 5.31 20.57 12.46
C ASP A 188 6.51 21.15 11.74
N ALA A 189 7.28 20.30 11.07
CA ALA A 189 8.40 20.75 10.30
C ALA A 189 8.08 21.04 8.83
N GLY A 190 6.80 20.96 8.44
CA GLY A 190 6.38 21.20 7.07
C GLY A 190 6.73 20.10 6.07
N LEU A 191 6.84 18.85 6.54
CA LEU A 191 7.37 17.77 5.73
C LEU A 191 6.27 16.96 5.05
N LEU A 192 5.02 17.21 5.39
CA LEU A 192 3.93 16.40 4.84
C LEU A 192 3.33 17.03 3.59
N PRO A 193 2.77 16.19 2.72
CA PRO A 193 2.04 16.64 1.56
C PRO A 193 0.80 17.46 1.96
N THR A 194 0.36 18.39 1.11
CA THR A 194 -0.89 19.09 1.34
C THR A 194 -1.98 18.54 0.42
N TYR A 195 -3.18 18.40 0.95
CA TYR A 195 -4.29 17.86 0.19
C TYR A 195 -4.58 18.68 -1.07
N ALA A 196 -4.54 20.01 -0.97
CA ALA A 196 -4.79 20.85 -2.15
C ALA A 196 -3.83 20.53 -3.30
N THR A 197 -2.56 20.34 -2.94
CA THR A 197 -1.50 20.05 -3.90
C THR A 197 -1.72 18.67 -4.53
N CYS A 198 -2.13 17.70 -3.72
CA CYS A 198 -2.33 16.35 -4.25
C CYS A 198 -3.53 16.35 -5.20
N GLN A 199 -4.57 17.11 -4.85
CA GLN A 199 -5.75 17.31 -5.70
C GLN A 199 -5.36 17.92 -7.05
S SO4 B . 15.06 -0.04 5.14
O1 SO4 B . 14.85 0.47 3.78
O2 SO4 B . 15.24 -1.50 5.07
O3 SO4 B . 16.26 0.62 5.66
O4 SO4 B . 13.93 0.32 5.99
C1 EDO C . -10.62 -12.83 -5.61
O1 EDO C . -10.16 -11.79 -4.77
C2 EDO C . -11.68 -13.59 -4.84
O2 EDO C . -12.63 -12.68 -4.29
C1 EDO D . -3.64 -20.38 -4.75
O1 EDO D . -3.03 -19.31 -5.48
C2 EDO D . -3.93 -20.04 -3.28
O2 EDO D . -2.71 -19.74 -2.60
C1 EDO E . -12.26 7.46 -4.90
O1 EDO E . -11.54 8.63 -4.55
C2 EDO E . -11.31 6.33 -4.52
O2 EDO E . -10.98 6.34 -3.15
#